data_4QVD
#
_entry.id   4QVD
#
_cell.length_a   59.280
_cell.length_b   68.270
_cell.length_c   111.210
_cell.angle_alpha   90.00
_cell.angle_beta   90.00
_cell.angle_gamma   90.00
#
_symmetry.space_group_name_H-M   'P 21 21 21'
#
loop_
_entity.id
_entity.type
_entity.pdbx_description
1 polymer 'RNA-binding protein Hfq'
2 polymer "RNA (5'-R(*AP*AP*CP*UP*AP*AP*A)-3')"
3 water water
#
loop_
_entity_poly.entity_id
_entity_poly.type
_entity_poly.pdbx_seq_one_letter_code
_entity_poly.pdbx_strand_id
1 'polypeptide(L)' MAKGQSLQDPFLNALRRERVPVSIYLVNGIKLQGQIESFDQFVILLKNTVSQMVYKHAISTVVPS A,B,C,D,E,F
2 'polyribonucleotide' AACUAAA H
#
# COMPACT_ATOMS: atom_id res chain seq x y z
N SER A 6 21.08 2.39 -7.93
CA SER A 6 20.17 3.07 -6.96
C SER A 6 20.28 4.59 -7.10
N LEU A 7 19.13 5.22 -7.34
CA LEU A 7 19.07 6.66 -7.45
C LEU A 7 18.79 7.28 -6.09
N GLN A 8 18.27 6.50 -5.14
CA GLN A 8 17.97 7.08 -3.84
C GLN A 8 19.23 7.51 -3.12
N ASP A 9 20.23 6.64 -3.06
CA ASP A 9 21.38 6.89 -2.20
C ASP A 9 22.05 8.22 -2.55
N PRO A 10 22.42 8.42 -3.83
CA PRO A 10 22.98 9.71 -4.27
C PRO A 10 22.07 10.92 -4.02
N PHE A 11 20.78 10.77 -4.33
CA PHE A 11 19.84 11.87 -4.15
C PHE A 11 19.81 12.30 -2.69
N LEU A 12 19.61 11.33 -1.79
CA LEU A 12 19.48 11.62 -0.38
C LEU A 12 20.80 12.05 0.26
N ASN A 13 21.91 11.48 -0.20
CA ASN A 13 23.22 11.83 0.34
C ASN A 13 23.59 13.27 0.02
N ALA A 14 23.29 13.70 -1.21
CA ALA A 14 23.46 15.10 -1.60
C ALA A 14 22.73 16.05 -0.67
N LEU A 15 21.50 15.70 -0.28
CA LEU A 15 20.70 16.53 0.61
C LEU A 15 21.28 16.51 2.03
N ARG A 16 21.65 15.32 2.47
CA ARG A 16 22.27 15.08 3.78
C ARG A 16 23.54 15.90 3.92
N ARG A 17 24.44 15.75 2.95
CA ARG A 17 25.76 16.39 2.95
C ARG A 17 25.64 17.90 3.04
N GLU A 18 24.86 18.50 2.14
CA GLU A 18 24.72 19.96 2.09
C GLU A 18 23.73 20.55 3.12
N ARG A 19 23.14 19.71 3.97
CA ARG A 19 22.18 20.18 4.99
C ARG A 19 20.99 20.95 4.40
N VAL A 20 20.49 20.47 3.27
CA VAL A 20 19.39 21.11 2.54
C VAL A 20 18.10 20.94 3.34
N PRO A 21 17.38 22.05 3.62
CA PRO A 21 16.02 21.86 4.15
C PRO A 21 15.12 21.19 3.11
N VAL A 22 14.42 20.15 3.55
CA VAL A 22 13.63 19.35 2.63
C VAL A 22 12.20 19.27 3.09
N SER A 23 11.34 18.96 2.12
CA SER A 23 9.99 18.54 2.39
C SER A 23 9.94 17.05 2.05
N ILE A 24 9.41 16.27 2.97
CA ILE A 24 9.06 14.88 2.73
C ILE A 24 7.54 14.83 2.76
N TYR A 25 6.96 14.63 1.58
CA TYR A 25 5.53 14.45 1.43
C TYR A 25 5.21 12.99 1.59
N LEU A 26 4.21 12.70 2.39
CA LEU A 26 3.72 11.34 2.55
C LEU A 26 2.57 11.10 1.57
N VAL A 27 2.28 9.82 1.31
CA VAL A 27 1.22 9.45 0.39
C VAL A 27 -0.15 9.91 0.87
N ASN A 28 -0.29 10.21 2.16
CA ASN A 28 -1.55 10.75 2.74
C ASN A 28 -1.64 12.29 2.72
N GLY A 29 -0.66 12.95 2.12
CA GLY A 29 -0.70 14.41 1.96
C GLY A 29 0.02 15.21 3.03
N ILE A 30 0.38 14.56 4.14
CA ILE A 30 1.14 15.22 5.20
C ILE A 30 2.49 15.63 4.65
N LYS A 31 2.92 16.84 5.01
CA LYS A 31 4.22 17.37 4.62
C LYS A 31 5.07 17.41 5.88
N LEU A 32 6.17 16.68 5.86
CA LEU A 32 7.15 16.70 6.93
C LEU A 32 8.29 17.57 6.46
N GLN A 33 8.92 18.29 7.38
CA GLN A 33 10.02 19.16 7.00
C GLN A 33 11.16 19.04 7.99
N GLY A 34 12.37 19.20 7.48
CA GLY A 34 13.55 19.19 8.32
C GLY A 34 14.77 18.95 7.46
N GLN A 35 15.81 18.38 8.05
CA GLN A 35 17.00 17.98 7.29
C GLN A 35 17.22 16.48 7.39
N ILE A 36 17.75 15.89 6.32
CA ILE A 36 18.01 14.46 6.24
C ILE A 36 19.23 14.19 7.11
N GLU A 37 19.05 13.42 8.18
CA GLU A 37 20.15 13.05 9.06
C GLU A 37 20.84 11.81 8.52
N SER A 38 20.04 10.82 8.15
CA SER A 38 20.57 9.55 7.64
C SER A 38 19.45 8.72 7.00
N PHE A 39 19.80 7.59 6.40
CA PHE A 39 18.79 6.74 5.76
C PHE A 39 19.35 5.35 5.55
N ASP A 40 18.48 4.37 5.37
CA ASP A 40 18.87 3.03 5.02
C ASP A 40 17.90 2.49 3.96
N GLN A 41 17.86 1.18 3.76
CA GLN A 41 17.04 0.60 2.71
C GLN A 41 15.53 0.90 2.92
N PHE A 42 15.10 1.05 4.16
CA PHE A 42 13.66 1.16 4.47
C PHE A 42 13.21 2.47 5.10
N VAL A 43 14.11 3.22 5.74
CA VAL A 43 13.73 4.42 6.45
C VAL A 43 14.62 5.61 6.12
N ILE A 44 14.10 6.79 6.39
CA ILE A 44 14.86 8.03 6.36
C ILE A 44 14.74 8.65 7.74
N LEU A 45 15.86 9.07 8.30
CA LEU A 45 15.88 9.83 9.54
C LEU A 45 15.83 11.32 9.20
N LEU A 46 14.81 12.01 9.69
CA LEU A 46 14.57 13.41 9.37
C LEU A 46 14.64 14.20 10.67
N LYS A 47 15.55 15.18 10.71
CA LYS A 47 15.80 15.98 11.92
C LYS A 47 15.31 17.42 11.78
N ASN A 48 14.42 17.85 12.68
CA ASN A 48 14.05 19.26 12.84
C ASN A 48 14.07 19.65 14.34
N THR A 49 12.91 19.80 14.96
CA THR A 49 12.84 19.98 16.42
C THR A 49 13.45 18.74 17.07
N VAL A 50 12.94 17.58 16.67
CA VAL A 50 13.49 16.27 17.06
C VAL A 50 13.76 15.40 15.83
N SER A 51 14.40 14.26 16.04
CA SER A 51 14.73 13.30 14.98
C SER A 51 13.65 12.19 14.86
N GLN A 52 13.02 12.09 13.71
CA GLN A 52 11.93 11.16 13.47
C GLN A 52 12.31 10.20 12.36
N MET A 53 11.94 8.94 12.52
CA MET A 53 12.20 7.92 11.53
C MET A 53 10.96 7.79 10.65
N VAL A 54 11.16 7.97 9.35
CA VAL A 54 10.06 7.96 8.38
C VAL A 54 10.23 6.72 7.53
N TYR A 55 9.19 5.90 7.42
CA TYR A 55 9.25 4.75 6.52
C TYR A 55 9.09 5.18 5.09
N LYS A 56 9.96 4.69 4.24
CA LYS A 56 9.89 5.02 2.83
C LYS A 56 8.58 4.58 2.18
N HIS A 57 8.03 3.44 2.63
CA HIS A 57 6.78 2.96 2.07
C HIS A 57 5.65 4.00 2.23
N ALA A 58 5.79 4.93 3.17
CA ALA A 58 4.83 6.02 3.38
C ALA A 58 5.11 7.30 2.60
N ILE A 59 6.26 7.37 1.91
CA ILE A 59 6.70 8.60 1.30
C ILE A 59 6.23 8.68 -0.12
N SER A 60 5.76 9.84 -0.54
CA SER A 60 5.51 10.03 -1.95
C SER A 60 6.68 10.74 -2.62
N THR A 61 7.13 11.82 -2.04
CA THR A 61 8.12 12.67 -2.66
C THR A 61 9.09 13.23 -1.62
N VAL A 62 10.36 13.34 -2.00
CA VAL A 62 11.36 14.12 -1.26
C VAL A 62 11.85 15.25 -2.18
N VAL A 63 11.75 16.49 -1.70
CA VAL A 63 12.06 17.72 -2.49
C VAL A 63 12.72 18.76 -1.58
N PRO A 64 13.71 19.53 -2.11
CA PRO A 64 14.13 20.70 -1.30
C PRO A 64 12.97 21.64 -0.97
N SER A 65 13.06 22.27 0.20
CA SER A 65 11.98 23.11 0.74
C SER A 65 11.92 24.45 0.01
N SER B 6 8.52 -6.36 -20.20
CA SER B 6 8.31 -5.08 -19.46
C SER B 6 7.85 -3.98 -20.41
N LEU B 7 6.66 -3.43 -20.15
CA LEU B 7 6.14 -2.28 -20.88
C LEU B 7 6.54 -0.99 -20.20
N GLN B 8 6.60 -1.05 -18.88
CA GLN B 8 6.98 0.07 -18.07
C GLN B 8 8.30 0.70 -18.48
N ASP B 9 9.31 -0.12 -18.69
CA ASP B 9 10.64 0.44 -18.89
C ASP B 9 10.78 1.17 -20.23
N PRO B 10 10.29 0.59 -21.35
CA PRO B 10 10.33 1.33 -22.63
C PRO B 10 9.45 2.59 -22.62
N PHE B 11 8.33 2.55 -21.90
CA PHE B 11 7.43 3.69 -21.82
C PHE B 11 8.11 4.87 -21.16
N LEU B 12 8.70 4.62 -19.99
CA LEU B 12 9.40 5.67 -19.25
C LEU B 12 10.71 6.10 -19.92
N ASN B 13 11.43 5.15 -20.51
CA ASN B 13 12.66 5.49 -21.23
C ASN B 13 12.44 6.39 -22.45
N ALA B 14 11.37 6.14 -23.20
CA ALA B 14 11.02 7.01 -24.34
C ALA B 14 10.79 8.42 -23.84
N LEU B 15 10.03 8.57 -22.76
CA LEU B 15 9.77 9.90 -22.19
C LEU B 15 11.07 10.57 -21.71
N ARG B 16 11.93 9.79 -21.07
CA ARG B 16 13.21 10.27 -20.56
C ARG B 16 14.13 10.73 -21.69
N ARG B 17 14.44 9.81 -22.60
CA ARG B 17 15.35 10.06 -23.72
C ARG B 17 14.91 11.21 -24.61
N GLU B 18 13.62 11.28 -24.91
CA GLU B 18 13.07 12.35 -25.76
C GLU B 18 12.78 13.65 -25.00
N ARG B 19 13.00 13.66 -23.67
CA ARG B 19 12.77 14.87 -22.86
C ARG B 19 11.31 15.35 -22.89
N VAL B 20 10.38 14.42 -22.79
CA VAL B 20 8.95 14.72 -22.92
C VAL B 20 8.42 15.34 -21.61
N PRO B 21 7.69 16.47 -21.70
CA PRO B 21 6.97 16.92 -20.51
C PRO B 21 5.91 15.89 -20.08
N VAL B 22 5.92 15.52 -18.80
CA VAL B 22 5.00 14.49 -18.29
C VAL B 22 4.19 15.00 -17.14
N SER B 23 3.04 14.35 -16.92
CA SER B 23 2.25 14.53 -15.74
C SER B 23 2.30 13.20 -15.00
N ILE B 24 2.64 13.27 -13.72
CA ILE B 24 2.67 12.10 -12.86
C ILE B 24 1.61 12.33 -11.81
N TYR B 25 0.60 11.46 -11.82
CA TYR B 25 -0.49 11.56 -10.86
C TYR B 25 -0.21 10.66 -9.68
N LEU B 26 -0.39 11.20 -8.49
CA LEU B 26 -0.11 10.46 -7.27
C LEU B 26 -1.37 9.81 -6.73
N VAL B 27 -1.18 8.88 -5.81
CA VAL B 27 -2.30 8.14 -5.22
C VAL B 27 -3.23 9.01 -4.39
N ASN B 28 -2.80 10.19 -3.95
CA ASN B 28 -3.75 11.11 -3.30
C ASN B 28 -4.40 12.11 -4.26
N GLY B 29 -4.19 11.92 -5.56
CA GLY B 29 -4.78 12.80 -6.61
C GLY B 29 -3.90 13.94 -7.11
N ILE B 30 -2.79 14.19 -6.42
CA ILE B 30 -1.91 15.30 -6.79
C ILE B 30 -1.26 15.04 -8.13
N LYS B 31 -1.13 16.09 -8.93
CA LYS B 31 -0.46 15.98 -10.21
C LYS B 31 0.86 16.72 -10.12
N LEU B 32 1.94 16.01 -10.43
CA LEU B 32 3.24 16.60 -10.56
C LEU B 32 3.54 16.71 -12.05
N GLN B 33 4.34 17.70 -12.41
CA GLN B 33 4.72 17.94 -13.79
C GLN B 33 6.21 18.21 -13.84
N GLY B 34 6.83 17.71 -14.90
CA GLY B 34 8.24 17.91 -15.13
C GLY B 34 8.74 17.05 -16.26
N GLN B 35 10.06 16.85 -16.30
CA GLN B 35 10.66 15.92 -17.23
C GLN B 35 11.32 14.84 -16.42
N ILE B 36 11.28 13.61 -16.92
CA ILE B 36 11.90 12.49 -16.24
C ILE B 36 13.40 12.54 -16.43
N GLU B 37 14.13 12.81 -15.36
CA GLU B 37 15.59 12.89 -15.36
C GLU B 37 16.18 11.46 -15.40
N SER B 38 15.73 10.62 -14.48
CA SER B 38 16.06 9.21 -14.47
C SER B 38 15.04 8.42 -13.65
N PHE B 39 15.14 7.10 -13.68
CA PHE B 39 14.29 6.24 -12.87
C PHE B 39 14.90 4.85 -12.69
N ASP B 40 14.49 4.15 -11.64
CA ASP B 40 14.94 2.78 -11.41
C ASP B 40 13.78 1.90 -10.97
N GLN B 41 14.05 0.79 -10.29
CA GLN B 41 12.96 -0.08 -9.83
C GLN B 41 12.02 0.63 -8.84
N PHE B 42 12.51 1.62 -8.12
CA PHE B 42 11.77 2.20 -7.00
C PHE B 42 11.32 3.64 -7.15
N VAL B 43 12.10 4.46 -7.86
CA VAL B 43 11.83 5.88 -7.88
C VAL B 43 11.93 6.44 -9.30
N ILE B 44 11.32 7.60 -9.48
CA ILE B 44 11.49 8.42 -10.66
C ILE B 44 11.99 9.77 -10.17
N LEU B 45 13.07 10.26 -10.77
CA LEU B 45 13.55 11.61 -10.47
C LEU B 45 12.91 12.55 -11.46
N LEU B 46 12.15 13.50 -10.94
CA LEU B 46 11.40 14.42 -11.78
C LEU B 46 11.98 15.82 -11.66
N LYS B 47 12.31 16.42 -12.80
CA LYS B 47 12.90 17.77 -12.86
C LYS B 47 11.89 18.79 -13.41
N ASN B 48 11.57 19.80 -12.61
CA ASN B 48 10.86 20.99 -13.09
C ASN B 48 11.72 22.21 -12.73
N THR B 49 11.25 23.13 -11.89
CA THR B 49 12.12 24.18 -11.35
C THR B 49 13.18 23.59 -10.41
N VAL B 50 12.85 22.47 -9.76
CA VAL B 50 13.78 21.74 -8.89
C VAL B 50 13.75 20.24 -9.21
N SER B 51 14.70 19.50 -8.67
CA SER B 51 14.71 18.06 -8.82
C SER B 51 14.04 17.42 -7.58
N GLN B 52 13.11 16.51 -7.82
CA GLN B 52 12.45 15.80 -6.74
C GLN B 52 12.41 14.31 -7.00
N MET B 53 12.40 13.53 -5.93
CA MET B 53 12.41 12.09 -6.01
C MET B 53 11.02 11.58 -5.69
N VAL B 54 10.41 10.89 -6.64
CA VAL B 54 9.07 10.36 -6.49
C VAL B 54 9.12 8.84 -6.41
N TYR B 55 8.55 8.27 -5.35
CA TYR B 55 8.51 6.82 -5.20
C TYR B 55 7.42 6.27 -6.08
N LYS B 56 7.75 5.22 -6.82
CA LYS B 56 6.76 4.63 -7.70
C LYS B 56 5.54 4.14 -6.94
N HIS B 57 5.72 3.66 -5.71
CA HIS B 57 4.57 3.16 -4.94
C HIS B 57 3.50 4.23 -4.67
N ALA B 58 3.88 5.50 -4.78
CA ALA B 58 2.94 6.61 -4.63
C ALA B 58 2.34 7.11 -5.94
N ILE B 59 2.73 6.53 -7.07
CA ILE B 59 2.22 6.97 -8.37
C ILE B 59 1.04 6.11 -8.80
N SER B 60 -0.02 6.74 -9.28
CA SER B 60 -1.09 6.03 -9.96
C SER B 60 -0.91 5.95 -11.48
N THR B 61 -0.55 7.09 -12.09
N THR B 61 -0.66 7.09 -12.15
CA THR B 61 -0.53 7.22 -13.54
CA THR B 61 -0.51 7.08 -13.61
C THR B 61 0.66 8.06 -13.99
C THR B 61 0.52 8.08 -14.08
N VAL B 62 1.21 7.71 -15.16
CA VAL B 62 2.17 8.58 -15.86
C VAL B 62 1.68 8.76 -17.30
N VAL B 63 1.70 10.01 -17.76
CA VAL B 63 1.19 10.34 -19.09
C VAL B 63 1.95 11.57 -19.65
N PRO B 64 2.27 11.58 -20.95
CA PRO B 64 2.83 12.82 -21.53
C PRO B 64 1.85 13.98 -21.42
N SER B 65 2.32 15.15 -21.01
CA SER B 65 1.45 16.29 -20.67
C SER B 65 0.79 16.91 -21.89
N GLY C 4 -2.51 -19.08 -10.14
CA GLY C 4 -1.44 -18.04 -10.30
C GLY C 4 -1.97 -16.78 -10.96
N GLN C 5 -1.68 -16.60 -12.24
CA GLN C 5 -2.23 -15.50 -13.07
C GLN C 5 -3.30 -16.00 -14.04
N SER C 6 -3.81 -17.19 -13.76
CA SER C 6 -4.73 -17.86 -14.65
C SER C 6 -6.06 -17.11 -14.80
N LEU C 7 -6.32 -16.11 -13.96
CA LEU C 7 -7.54 -15.32 -14.09
C LEU C 7 -7.26 -13.91 -14.64
N GLN C 8 -6.31 -13.21 -14.04
CA GLN C 8 -6.02 -11.82 -14.38
C GLN C 8 -5.62 -11.65 -15.86
N ASP C 9 -4.67 -12.46 -16.29
CA ASP C 9 -4.13 -12.31 -17.63
C ASP C 9 -5.15 -12.62 -18.73
N PRO C 10 -5.90 -13.73 -18.65
CA PRO C 10 -6.98 -13.93 -19.63
C PRO C 10 -8.08 -12.87 -19.54
N PHE C 11 -8.40 -12.38 -18.35
CA PHE C 11 -9.40 -11.30 -18.23
C PHE C 11 -8.94 -10.03 -18.94
N LEU C 12 -7.69 -9.61 -18.73
CA LEU C 12 -7.19 -8.37 -19.34
C LEU C 12 -6.92 -8.58 -20.84
N ASN C 13 -6.43 -9.75 -21.20
CA ASN C 13 -6.18 -10.09 -22.61
C ASN C 13 -7.46 -10.08 -23.42
N ALA C 14 -8.53 -10.64 -22.88
CA ALA C 14 -9.81 -10.61 -23.61
C ALA C 14 -10.27 -9.16 -23.84
N LEU C 15 -10.16 -8.32 -22.81
CA LEU C 15 -10.51 -6.92 -22.95
C LEU C 15 -9.66 -6.22 -24.01
N ARG C 16 -8.36 -6.54 -23.99
CA ARG C 16 -7.42 -5.95 -24.93
C ARG C 16 -7.75 -6.40 -26.35
N ARG C 17 -7.82 -7.71 -26.56
CA ARG C 17 -8.09 -8.30 -27.89
C ARG C 17 -9.36 -7.79 -28.56
N GLU C 18 -10.45 -7.73 -27.79
CA GLU C 18 -11.74 -7.29 -28.34
C GLU C 18 -11.97 -5.77 -28.24
N ARG C 19 -10.98 -5.02 -27.77
CA ARG C 19 -11.09 -3.54 -27.70
C ARG C 19 -12.32 -3.10 -26.90
N VAL C 20 -12.56 -3.76 -25.78
CA VAL C 20 -13.73 -3.48 -24.95
C VAL C 20 -13.48 -2.17 -24.18
N PRO C 21 -14.39 -1.20 -24.28
CA PRO C 21 -14.28 -0.04 -23.40
C PRO C 21 -14.32 -0.45 -21.92
N VAL C 22 -13.29 -0.09 -21.16
CA VAL C 22 -13.21 -0.46 -19.74
C VAL C 22 -13.21 0.75 -18.83
N SER C 23 -13.58 0.49 -17.58
CA SER C 23 -13.45 1.41 -16.49
C SER C 23 -12.43 0.80 -15.54
N ILE C 24 -11.45 1.60 -15.15
CA ILE C 24 -10.47 1.22 -14.14
C ILE C 24 -10.68 2.16 -12.96
N TYR C 25 -11.09 1.61 -11.83
CA TYR C 25 -11.26 2.40 -10.63
C TYR C 25 -9.99 2.32 -9.81
N LEU C 26 -9.45 3.48 -9.47
CA LEU C 26 -8.29 3.58 -8.61
C LEU C 26 -8.71 3.49 -7.15
N VAL C 27 -7.76 3.11 -6.29
CA VAL C 27 -8.00 3.04 -4.85
C VAL C 27 -8.40 4.42 -4.28
N ASN C 28 -7.93 5.52 -4.85
CA ASN C 28 -8.37 6.84 -4.41
C ASN C 28 -9.77 7.25 -4.89
N GLY C 29 -10.44 6.38 -5.66
CA GLY C 29 -11.85 6.58 -6.04
C GLY C 29 -12.05 7.07 -7.46
N ILE C 30 -11.00 7.63 -8.06
CA ILE C 30 -11.01 8.10 -9.43
C ILE C 30 -11.29 6.96 -10.43
N LYS C 31 -12.12 7.24 -11.43
CA LYS C 31 -12.45 6.29 -12.47
C LYS C 31 -11.76 6.69 -13.73
N LEU C 32 -10.93 5.81 -14.27
CA LEU C 32 -10.32 6.03 -15.58
C LEU C 32 -11.09 5.21 -16.62
N GLN C 33 -11.13 5.71 -17.85
CA GLN C 33 -11.82 5.01 -18.92
C GLN C 33 -10.99 4.99 -20.19
N GLY C 34 -11.07 3.89 -20.93
CA GLY C 34 -10.33 3.77 -22.16
C GLY C 34 -10.36 2.36 -22.66
N GLN C 35 -9.41 2.02 -23.52
CA GLN C 35 -9.22 0.64 -23.93
C GLN C 35 -7.87 0.22 -23.42
N ILE C 36 -7.79 -1.05 -23.04
CA ILE C 36 -6.53 -1.64 -22.60
C ILE C 36 -5.72 -1.95 -23.83
N GLU C 37 -4.59 -1.28 -23.95
CA GLU C 37 -3.69 -1.41 -25.10
C GLU C 37 -2.69 -2.56 -24.87
N SER C 38 -2.20 -2.66 -23.64
CA SER C 38 -1.32 -3.75 -23.24
C SER C 38 -1.14 -3.70 -21.73
N PHE C 39 -0.44 -4.67 -21.19
CA PHE C 39 -0.14 -4.73 -19.77
C PHE C 39 1.01 -5.66 -19.52
N ASP C 40 1.69 -5.46 -18.40
CA ASP C 40 2.70 -6.41 -17.96
C ASP C 40 2.46 -6.77 -16.49
N GLN C 41 3.50 -7.21 -15.80
CA GLN C 41 3.39 -7.54 -14.38
C GLN C 41 2.89 -6.40 -13.50
N PHE C 42 3.38 -5.18 -13.73
CA PHE C 42 3.11 -4.08 -12.82
C PHE C 42 2.23 -2.94 -13.36
N VAL C 43 2.02 -2.85 -14.67
CA VAL C 43 1.30 -1.72 -15.25
C VAL C 43 0.32 -2.15 -16.30
N ILE C 44 -0.65 -1.27 -16.54
CA ILE C 44 -1.60 -1.43 -17.62
C ILE C 44 -1.53 -0.15 -18.44
N LEU C 45 -1.40 -0.28 -19.76
CA LEU C 45 -1.48 0.87 -20.68
C LEU C 45 -2.92 1.06 -21.14
N LEU C 46 -3.46 2.22 -20.84
CA LEU C 46 -4.86 2.51 -21.04
C LEU C 46 -4.93 3.64 -22.07
N LYS C 47 -5.67 3.40 -23.14
CA LYS C 47 -5.74 4.33 -24.25
C LYS C 47 -7.12 4.97 -24.28
N ASN C 48 -7.15 6.30 -24.24
CA ASN C 48 -8.32 7.05 -24.66
C ASN C 48 -7.85 8.03 -25.75
N THR C 49 -7.63 9.30 -25.42
CA THR C 49 -7.05 10.20 -26.43
C THR C 49 -5.57 9.82 -26.64
N VAL C 50 -4.87 9.57 -25.54
CA VAL C 50 -3.48 9.12 -25.57
C VAL C 50 -3.29 7.96 -24.58
N SER C 51 -2.17 7.26 -24.68
CA SER C 51 -1.87 6.16 -23.80
C SER C 51 -1.32 6.64 -22.47
N GLN C 52 -1.90 6.16 -21.39
CA GLN C 52 -1.36 6.42 -20.07
C GLN C 52 -0.99 5.11 -19.38
N MET C 53 0.11 5.16 -18.63
CA MET C 53 0.57 4.04 -17.89
C MET C 53 -0.03 4.10 -16.49
N VAL C 54 -0.81 3.09 -16.15
CA VAL C 54 -1.46 3.00 -14.86
C VAL C 54 -0.78 1.86 -14.06
N TYR C 55 -0.30 2.18 -12.86
CA TYR C 55 0.31 1.17 -12.01
C TYR C 55 -0.77 0.32 -11.38
N LYS C 56 -0.63 -0.99 -11.47
CA LYS C 56 -1.61 -1.89 -10.88
C LYS C 56 -1.77 -1.70 -9.38
N HIS C 57 -0.69 -1.37 -8.67
CA HIS C 57 -0.76 -1.12 -7.25
C HIS C 57 -1.73 0.00 -6.87
N ALA C 58 -2.09 0.85 -7.84
CA ALA C 58 -3.02 1.97 -7.59
C ALA C 58 -4.45 1.61 -7.94
N ILE C 59 -4.66 0.43 -8.55
CA ILE C 59 -5.97 0.05 -9.07
C ILE C 59 -6.72 -0.82 -8.06
N SER C 60 -8.02 -0.58 -7.92
CA SER C 60 -8.88 -1.47 -7.13
C SER C 60 -9.63 -2.45 -8.00
N THR C 61 -10.27 -1.94 -9.06
N THR C 61 -10.37 -1.96 -9.00
CA THR C 61 -11.19 -2.69 -9.87
CA THR C 61 -11.18 -2.81 -9.86
C THR C 61 -10.98 -2.43 -11.37
C THR C 61 -11.13 -2.43 -11.34
N VAL C 62 -11.20 -3.45 -12.19
CA VAL C 62 -11.32 -3.29 -13.64
C VAL C 62 -12.63 -3.94 -14.11
N VAL C 63 -13.41 -3.22 -14.89
CA VAL C 63 -14.71 -3.72 -15.38
C VAL C 63 -14.99 -3.12 -16.76
N PRO C 64 -15.62 -3.91 -17.66
CA PRO C 64 -16.13 -3.33 -18.91
C PRO C 64 -17.09 -2.20 -18.58
N SER C 65 -16.94 -1.06 -19.24
CA SER C 65 -17.79 0.11 -18.99
C SER C 65 -19.27 -0.23 -19.15
C GLN D 5 -2.11 -22.88 3.90
N SER D 6 -2.01 -22.32 2.69
CA SER D 6 -2.88 -21.22 2.26
C SER D 6 -4.32 -21.37 2.80
N LEU D 7 -4.78 -20.36 3.54
CA LEU D 7 -6.17 -20.31 4.01
C LEU D 7 -7.11 -19.65 3.00
N GLN D 8 -6.56 -18.83 2.09
CA GLN D 8 -7.36 -18.10 1.13
C GLN D 8 -8.11 -19.02 0.19
N ASP D 9 -7.39 -20.00 -0.36
CA ASP D 9 -7.96 -20.87 -1.38
C ASP D 9 -9.18 -21.62 -0.87
N PRO D 10 -9.08 -22.33 0.27
CA PRO D 10 -10.30 -23.02 0.72
C PRO D 10 -11.44 -22.07 1.11
N PHE D 11 -11.10 -20.95 1.72
CA PHE D 11 -12.09 -19.98 2.14
C PHE D 11 -12.85 -19.44 0.93
N LEU D 12 -12.12 -19.00 -0.08
CA LEU D 12 -12.73 -18.47 -1.29
C LEU D 12 -13.40 -19.58 -2.13
N ASN D 13 -12.77 -20.75 -2.23
CA ASN D 13 -13.40 -21.85 -3.02
C ASN D 13 -14.74 -22.29 -2.43
N ALA D 14 -14.87 -22.22 -1.11
CA ALA D 14 -16.13 -22.59 -0.46
C ALA D 14 -17.22 -21.62 -0.89
N LEU D 15 -16.91 -20.33 -0.84
CA LEU D 15 -17.87 -19.31 -1.29
C LEU D 15 -18.17 -19.43 -2.77
N ARG D 16 -17.14 -19.72 -3.55
CA ARG D 16 -17.31 -19.87 -5.00
C ARG D 16 -18.24 -21.04 -5.36
N ARG D 17 -17.98 -22.19 -4.76
CA ARG D 17 -18.76 -23.39 -5.06
C ARG D 17 -20.24 -23.19 -4.72
N GLU D 18 -20.50 -22.51 -3.60
CA GLU D 18 -21.87 -22.34 -3.09
C GLU D 18 -22.59 -21.15 -3.69
N ARG D 19 -21.85 -20.22 -4.28
CA ARG D 19 -22.41 -19.06 -4.96
C ARG D 19 -23.27 -18.19 -4.05
N VAL D 20 -22.87 -18.07 -2.79
CA VAL D 20 -23.59 -17.26 -1.85
C VAL D 20 -23.13 -15.80 -1.99
N PRO D 21 -23.96 -14.86 -1.52
CA PRO D 21 -23.57 -13.46 -1.55
C PRO D 21 -22.44 -13.19 -0.56
N VAL D 22 -21.53 -12.32 -0.95
CA VAL D 22 -20.45 -11.91 -0.08
C VAL D 22 -20.26 -10.43 -0.26
N SER D 23 -19.79 -9.79 0.80
CA SER D 23 -19.38 -8.41 0.72
C SER D 23 -17.85 -8.41 0.69
N ILE D 24 -17.29 -7.65 -0.23
CA ILE D 24 -15.83 -7.42 -0.27
C ILE D 24 -15.67 -5.98 0.09
N TYR D 25 -14.99 -5.72 1.22
CA TYR D 25 -14.71 -4.35 1.64
C TYR D 25 -13.33 -3.99 1.16
N LEU D 26 -13.19 -2.85 0.52
CA LEU D 26 -11.90 -2.44 -0.02
C LEU D 26 -11.20 -1.57 1.02
N VAL D 27 -9.89 -1.41 0.86
CA VAL D 27 -9.12 -0.65 1.83
C VAL D 27 -9.54 0.82 1.96
N ASN D 28 -10.18 1.35 0.92
CA ASN D 28 -10.71 2.72 0.94
C ASN D 28 -12.15 2.85 1.51
N GLY D 29 -12.69 1.75 2.01
CA GLY D 29 -14.01 1.78 2.62
C GLY D 29 -15.14 1.29 1.72
N ILE D 30 -14.89 1.23 0.41
CA ILE D 30 -15.93 0.80 -0.54
C ILE D 30 -16.39 -0.62 -0.25
N LYS D 31 -17.70 -0.84 -0.30
CA LYS D 31 -18.25 -2.18 -0.15
C LYS D 31 -18.80 -2.66 -1.48
N LEU D 32 -18.36 -3.83 -1.92
CA LEU D 32 -18.84 -4.47 -3.15
C LEU D 32 -19.64 -5.70 -2.72
N GLN D 33 -20.73 -5.98 -3.43
CA GLN D 33 -21.67 -7.05 -3.04
C GLN D 33 -21.91 -7.96 -4.23
N GLY D 34 -21.67 -9.25 -4.07
CA GLY D 34 -21.89 -10.17 -5.18
C GLY D 34 -21.44 -11.56 -4.81
N GLN D 35 -21.24 -12.38 -5.82
CA GLN D 35 -20.75 -13.74 -5.65
C GLN D 35 -19.30 -13.82 -6.10
N ILE D 36 -18.54 -14.69 -5.45
CA ILE D 36 -17.18 -14.97 -5.88
C ILE D 36 -17.24 -15.89 -7.10
N GLU D 37 -16.96 -15.35 -8.28
CA GLU D 37 -17.02 -16.12 -9.51
C GLU D 37 -15.78 -16.96 -9.67
N SER D 38 -14.63 -16.38 -9.36
CA SER D 38 -13.35 -17.05 -9.43
C SER D 38 -12.27 -16.19 -8.81
N PHE D 39 -11.06 -16.70 -8.76
CA PHE D 39 -9.95 -15.98 -8.15
C PHE D 39 -8.66 -16.66 -8.56
N ASP D 40 -7.57 -15.93 -8.40
CA ASP D 40 -6.24 -16.47 -8.59
C ASP D 40 -5.35 -15.87 -7.51
N GLN D 41 -4.05 -15.87 -7.69
CA GLN D 41 -3.15 -15.44 -6.62
C GLN D 41 -3.30 -13.93 -6.31
N PHE D 42 -3.67 -13.12 -7.30
CA PHE D 42 -3.70 -11.66 -7.11
C PHE D 42 -5.05 -10.96 -7.27
N VAL D 43 -6.03 -11.66 -7.86
CA VAL D 43 -7.33 -11.05 -8.10
C VAL D 43 -8.49 -11.97 -7.69
N ILE D 44 -9.63 -11.33 -7.46
CA ILE D 44 -10.90 -12.01 -7.27
C ILE D 44 -11.84 -11.47 -8.35
N LEU D 45 -12.57 -12.35 -9.02
CA LEU D 45 -13.65 -11.91 -9.90
C LEU D 45 -14.98 -11.95 -9.12
N LEU D 46 -15.62 -10.78 -9.01
CA LEU D 46 -16.85 -10.65 -8.25
C LEU D 46 -17.99 -10.42 -9.23
N LYS D 47 -19.06 -11.19 -9.07
CA LYS D 47 -20.17 -11.16 -10.01
C LYS D 47 -21.44 -10.62 -9.36
N ASN D 48 -22.02 -9.60 -9.96
CA ASN D 48 -23.39 -9.19 -9.60
C ASN D 48 -24.14 -8.98 -10.93
N THR D 49 -24.56 -7.78 -11.29
CA THR D 49 -25.00 -7.56 -12.67
C THR D 49 -23.82 -7.47 -13.66
N VAL D 50 -22.63 -7.18 -13.15
CA VAL D 50 -21.40 -7.22 -13.95
C VAL D 50 -20.40 -8.19 -13.32
N SER D 51 -19.40 -8.61 -14.08
CA SER D 51 -18.28 -9.33 -13.52
C SER D 51 -17.08 -8.40 -13.48
N GLN D 52 -16.59 -8.09 -12.28
CA GLN D 52 -15.49 -7.16 -12.14
C GLN D 52 -14.30 -7.82 -11.45
N MET D 53 -13.12 -7.51 -11.94
CA MET D 53 -11.90 -8.04 -11.37
C MET D 53 -11.38 -7.11 -10.29
N VAL D 54 -11.22 -7.64 -9.09
CA VAL D 54 -10.81 -6.83 -7.95
C VAL D 54 -9.41 -7.30 -7.55
N TYR D 55 -8.46 -6.36 -7.47
CA TYR D 55 -7.13 -6.67 -6.97
C TYR D 55 -7.15 -6.95 -5.49
N LYS D 56 -6.62 -8.10 -5.07
CA LYS D 56 -6.54 -8.39 -3.64
C LYS D 56 -5.81 -7.30 -2.84
N HIS D 57 -4.81 -6.64 -3.44
CA HIS D 57 -4.08 -5.61 -2.73
C HIS D 57 -5.00 -4.44 -2.33
N ALA D 58 -6.17 -4.33 -2.96
CA ALA D 58 -7.12 -3.27 -2.65
C ALA D 58 -8.21 -3.72 -1.67
N ILE D 59 -8.19 -4.98 -1.27
CA ILE D 59 -9.23 -5.58 -0.41
C ILE D 59 -8.80 -5.60 1.04
N SER D 60 -9.71 -5.23 1.93
CA SER D 60 -9.45 -5.39 3.35
C SER D 60 -10.02 -6.71 3.88
N THR D 61 -11.30 -6.95 3.61
CA THR D 61 -11.99 -8.13 4.14
C THR D 61 -12.95 -8.69 3.14
N VAL D 62 -13.17 -10.00 3.24
CA VAL D 62 -14.18 -10.72 2.48
C VAL D 62 -15.13 -11.36 3.52
N VAL D 63 -16.41 -10.98 3.47
CA VAL D 63 -17.36 -11.31 4.52
C VAL D 63 -18.58 -12.00 3.90
N PRO D 64 -18.78 -13.29 4.19
CA PRO D 64 -19.99 -13.99 3.74
C PRO D 64 -21.22 -13.25 4.22
N SER D 65 -22.22 -13.09 3.37
CA SER D 65 -23.48 -12.46 3.78
C SER D 65 -24.33 -13.41 4.65
N SER E 6 10.19 -14.28 14.58
CA SER E 6 8.81 -13.74 14.43
C SER E 6 8.18 -13.49 15.78
N LEU E 7 7.74 -12.25 15.99
CA LEU E 7 6.89 -11.87 17.12
C LEU E 7 5.42 -12.01 16.76
N GLN E 8 5.13 -11.86 15.48
CA GLN E 8 3.78 -11.84 14.98
C GLN E 8 3.09 -13.20 15.18
N ASP E 9 3.74 -14.29 14.81
CA ASP E 9 3.10 -15.61 14.89
C ASP E 9 2.82 -16.06 16.34
N PRO E 10 3.80 -15.93 17.25
CA PRO E 10 3.49 -16.22 18.66
C PRO E 10 2.40 -15.35 19.26
N PHE E 11 2.39 -14.06 18.91
CA PHE E 11 1.39 -13.12 19.41
C PHE E 11 -0.01 -13.51 18.94
N LEU E 12 -0.14 -13.88 17.67
CA LEU E 12 -1.41 -14.31 17.10
C LEU E 12 -1.78 -15.73 17.53
N ASN E 13 -0.79 -16.63 17.60
CA ASN E 13 -1.03 -18.00 18.06
C ASN E 13 -1.56 -18.02 19.49
N ALA E 14 -1.05 -17.12 20.33
CA ALA E 14 -1.52 -17.03 21.72
C ALA E 14 -2.93 -16.48 21.81
N LEU E 15 -3.28 -15.54 20.93
CA LEU E 15 -4.66 -15.06 20.85
C LEU E 15 -5.59 -16.16 20.33
N ARG E 16 -5.09 -16.96 19.38
CA ARG E 16 -5.86 -18.09 18.80
C ARG E 16 -6.08 -19.22 19.81
N ARG E 17 -4.96 -19.74 20.33
CA ARG E 17 -4.96 -20.88 21.27
C ARG E 17 -5.87 -20.65 22.48
N GLU E 18 -5.81 -19.45 23.08
CA GLU E 18 -6.59 -19.13 24.30
C GLU E 18 -7.93 -18.43 24.00
N ARG E 19 -8.38 -18.50 22.75
CA ARG E 19 -9.64 -17.91 22.28
C ARG E 19 -9.94 -16.49 22.80
N VAL E 20 -8.95 -15.60 22.73
CA VAL E 20 -9.10 -14.23 23.26
C VAL E 20 -9.86 -13.35 22.26
N PRO E 21 -10.85 -12.59 22.77
CA PRO E 21 -11.44 -11.52 21.96
C PRO E 21 -10.42 -10.48 21.54
N VAL E 22 -10.40 -10.16 20.26
CA VAL E 22 -9.49 -9.16 19.72
C VAL E 22 -10.24 -8.06 18.99
N SER E 23 -9.64 -6.88 18.98
CA SER E 23 -10.00 -5.83 18.04
C SER E 23 -8.91 -5.75 16.97
N ILE E 24 -9.33 -5.73 15.71
CA ILE E 24 -8.43 -5.54 14.57
C ILE E 24 -8.81 -4.22 13.93
N TYR E 25 -7.89 -3.26 13.96
CA TYR E 25 -8.08 -1.99 13.29
C TYR E 25 -7.51 -2.06 11.87
N LEU E 26 -8.33 -1.68 10.90
CA LEU E 26 -7.90 -1.66 9.51
C LEU E 26 -7.22 -0.35 9.19
N VAL E 27 -6.56 -0.31 8.05
CA VAL E 27 -5.78 0.87 7.69
C VAL E 27 -6.63 2.12 7.52
N ASN E 28 -7.93 1.97 7.26
CA ASN E 28 -8.85 3.12 7.18
C ASN E 28 -9.51 3.50 8.51
N GLY E 29 -9.11 2.88 9.61
CA GLY E 29 -9.64 3.25 10.92
C GLY E 29 -10.73 2.36 11.46
N ILE E 30 -11.38 1.61 10.58
CA ILE E 30 -12.49 0.76 10.98
C ILE E 30 -12.02 -0.33 11.94
N LYS E 31 -12.78 -0.57 13.00
CA LYS E 31 -12.44 -1.59 14.00
C LYS E 31 -13.31 -2.81 13.84
N LEU E 32 -12.67 -3.96 13.68
CA LEU E 32 -13.34 -5.25 13.66
C LEU E 32 -13.10 -5.98 14.98
N GLN E 33 -14.02 -6.86 15.34
CA GLN E 33 -13.94 -7.64 16.58
C GLN E 33 -14.34 -9.09 16.39
N GLY E 34 -13.81 -9.96 17.24
CA GLY E 34 -14.09 -11.39 17.18
C GLY E 34 -12.95 -12.20 17.74
N GLN E 35 -12.83 -13.45 17.28
CA GLN E 35 -11.76 -14.34 17.68
C GLN E 35 -10.99 -14.83 16.47
N ILE E 36 -9.69 -14.99 16.63
CA ILE E 36 -8.86 -15.50 15.56
C ILE E 36 -9.03 -17.01 15.46
N GLU E 37 -9.72 -17.44 14.41
CA GLU E 37 -9.88 -18.87 14.12
C GLU E 37 -8.56 -19.44 13.59
N SER E 38 -7.96 -18.73 12.65
CA SER E 38 -6.68 -19.15 12.11
C SER E 38 -6.04 -17.97 11.39
N PHE E 39 -4.80 -18.16 10.99
CA PHE E 39 -4.06 -17.16 10.25
C PHE E 39 -2.92 -17.85 9.50
N ASP E 40 -2.46 -17.22 8.44
CA ASP E 40 -1.31 -17.69 7.70
C ASP E 40 -0.46 -16.48 7.35
N GLN E 41 0.33 -16.56 6.30
CA GLN E 41 1.24 -15.47 5.97
C GLN E 41 0.51 -14.21 5.50
N PHE E 42 -0.70 -14.36 4.96
CA PHE E 42 -1.38 -13.24 4.30
C PHE E 42 -2.69 -12.80 4.90
N VAL E 43 -3.41 -13.74 5.51
CA VAL E 43 -4.71 -13.42 6.03
C VAL E 43 -4.90 -13.87 7.47
N ILE E 44 -5.90 -13.26 8.11
CA ILE E 44 -6.40 -13.67 9.41
C ILE E 44 -7.88 -14.01 9.22
N LEU E 45 -8.30 -15.19 9.68
CA LEU E 45 -9.74 -15.53 9.70
C LEU E 45 -10.30 -15.15 11.05
N LEU E 46 -11.18 -14.16 11.04
CA LEU E 46 -11.77 -13.63 12.24
C LEU E 46 -13.23 -14.11 12.33
N LYS E 47 -13.54 -14.80 13.43
CA LYS E 47 -14.84 -15.47 13.59
C LYS E 47 -15.69 -14.74 14.62
N ASN E 48 -16.97 -14.57 14.28
CA ASN E 48 -18.02 -14.32 15.26
C ASN E 48 -19.02 -15.49 15.18
N THR E 49 -20.13 -15.31 14.47
CA THR E 49 -20.98 -16.45 14.07
C THR E 49 -20.20 -17.27 13.04
N VAL E 50 -19.74 -16.58 12.00
CA VAL E 50 -18.94 -17.17 10.94
C VAL E 50 -17.69 -16.30 10.68
N SER E 51 -16.73 -16.88 9.98
CA SER E 51 -15.45 -16.26 9.79
C SER E 51 -15.45 -15.37 8.55
N GLN E 52 -14.98 -14.14 8.73
CA GLN E 52 -14.57 -13.31 7.61
C GLN E 52 -13.06 -13.42 7.48
N MET E 53 -12.58 -13.21 6.26
CA MET E 53 -11.16 -13.26 5.97
C MET E 53 -10.61 -11.84 5.88
N VAL E 54 -9.60 -11.54 6.69
CA VAL E 54 -8.99 -10.21 6.76
C VAL E 54 -7.55 -10.28 6.20
N TYR E 55 -7.27 -9.48 5.18
CA TYR E 55 -5.93 -9.38 4.63
C TYR E 55 -5.05 -8.61 5.59
N LYS E 56 -3.94 -9.21 5.99
CA LYS E 56 -2.96 -8.52 6.84
C LYS E 56 -2.48 -7.19 6.26
N HIS E 57 -2.37 -7.09 4.94
CA HIS E 57 -1.93 -5.85 4.32
C HIS E 57 -2.88 -4.69 4.62
N ALA E 58 -4.10 -5.00 5.05
CA ALA E 58 -5.10 -3.98 5.39
C ALA E 58 -5.23 -3.70 6.87
N ILE E 59 -4.42 -4.37 7.70
CA ILE E 59 -4.47 -4.21 9.13
C ILE E 59 -3.43 -3.19 9.59
N SER E 60 -3.80 -2.28 10.47
CA SER E 60 -2.81 -1.45 11.16
C SER E 60 -2.44 -2.07 12.48
N THR E 61 -3.43 -2.37 13.34
CA THR E 61 -3.12 -2.88 14.68
C THR E 61 -4.04 -4.02 15.09
N VAL E 62 -3.50 -4.92 15.90
CA VAL E 62 -4.25 -6.00 16.52
C VAL E 62 -4.04 -5.91 18.03
N VAL E 63 -5.14 -5.87 18.78
CA VAL E 63 -5.05 -5.80 20.24
C VAL E 63 -6.09 -6.73 20.87
N PRO E 64 -5.74 -7.38 22.00
CA PRO E 64 -6.80 -8.03 22.76
C PRO E 64 -7.81 -7.00 23.27
N SER E 65 -9.09 -7.36 23.23
CA SER E 65 -10.18 -6.50 23.72
C SER E 65 -11.48 -6.90 23.04
N GLN F 5 16.97 -2.27 8.77
CA GLN F 5 18.42 -2.65 8.84
C GLN F 5 19.26 -1.64 9.67
N SER F 6 20.39 -1.18 9.12
CA SER F 6 21.43 -0.51 9.90
C SER F 6 21.03 0.81 10.57
N LEU F 7 19.93 1.42 10.15
CA LEU F 7 19.45 2.60 10.86
C LEU F 7 18.16 2.35 11.65
N GLN F 8 17.25 1.61 11.04
CA GLN F 8 15.97 1.29 11.68
C GLN F 8 16.15 0.55 13.01
N ASP F 9 16.92 -0.53 12.99
CA ASP F 9 17.00 -1.37 14.19
C ASP F 9 17.68 -0.68 15.40
N PRO F 10 18.80 0.03 15.18
CA PRO F 10 19.36 0.82 16.31
C PRO F 10 18.42 1.90 16.83
N PHE F 11 17.74 2.60 15.91
CA PHE F 11 16.76 3.59 16.31
C PHE F 11 15.71 2.96 17.22
N LEU F 12 15.10 1.87 16.79
CA LEU F 12 14.04 1.24 17.56
C LEU F 12 14.56 0.55 18.81
N ASN F 13 15.72 -0.11 18.69
CA ASN F 13 16.33 -0.75 19.85
C ASN F 13 16.70 0.19 20.98
N ALA F 14 17.17 1.39 20.66
CA ALA F 14 17.47 2.38 21.68
C ALA F 14 16.20 2.83 22.39
N LEU F 15 15.14 3.09 21.62
CA LEU F 15 13.84 3.43 22.22
C LEU F 15 13.35 2.28 23.09
N ARG F 16 13.52 1.03 22.62
CA ARG F 16 13.08 -0.14 23.37
C ARG F 16 13.83 -0.26 24.70
N ARG F 17 15.16 -0.24 24.61
CA ARG F 17 16.00 -0.46 25.78
C ARG F 17 15.84 0.57 26.90
N GLU F 18 15.68 1.85 26.54
CA GLU F 18 15.50 2.91 27.52
C GLU F 18 14.02 3.14 27.88
N ARG F 19 13.11 2.36 27.30
CA ARG F 19 11.67 2.47 27.56
C ARG F 19 11.16 3.89 27.37
N VAL F 20 11.58 4.53 26.29
CA VAL F 20 11.22 5.90 25.98
C VAL F 20 9.76 5.91 25.53
N PRO F 21 8.93 6.85 26.05
CA PRO F 21 7.59 7.00 25.44
C PRO F 21 7.68 7.44 23.97
N VAL F 22 7.00 6.73 23.08
CA VAL F 22 7.04 7.06 21.66
C VAL F 22 5.66 7.34 21.08
N SER F 23 5.68 8.09 19.99
CA SER F 23 4.54 8.32 19.15
C SER F 23 4.79 7.63 17.83
N ILE F 24 3.81 6.82 17.42
CA ILE F 24 3.82 6.12 16.15
C ILE F 24 2.65 6.71 15.35
N TYR F 25 2.95 7.38 14.26
CA TYR F 25 1.90 7.92 13.38
C TYR F 25 1.58 6.93 12.26
N LEU F 26 0.31 6.57 12.14
CA LEU F 26 -0.12 5.68 11.09
C LEU F 26 -0.40 6.43 9.79
N VAL F 27 -0.39 5.69 8.69
CA VAL F 27 -0.68 6.27 7.38
C VAL F 27 -2.08 6.92 7.30
N ASN F 28 -3.05 6.47 8.09
CA ASN F 28 -4.35 7.17 8.10
C ASN F 28 -4.32 8.46 8.95
N GLY F 29 -3.17 8.81 9.49
CA GLY F 29 -3.01 10.00 10.31
C GLY F 29 -3.16 9.80 11.81
N ILE F 30 -3.71 8.68 12.26
CA ILE F 30 -3.89 8.42 13.68
C ILE F 30 -2.55 8.30 14.43
N LYS F 31 -2.48 8.87 15.63
CA LYS F 31 -1.26 8.82 16.44
C LYS F 31 -1.41 7.78 17.54
N LEU F 32 -0.48 6.83 17.61
CA LEU F 32 -0.46 5.89 18.73
C LEU F 32 0.67 6.29 19.67
N GLN F 33 0.50 5.93 20.94
CA GLN F 33 1.48 6.26 21.95
C GLN F 33 1.71 5.09 22.85
N GLY F 34 2.97 4.91 23.25
CA GLY F 34 3.33 3.88 24.21
C GLY F 34 4.82 3.65 24.24
N GLN F 35 5.21 2.46 24.67
CA GLN F 35 6.60 2.06 24.73
C GLN F 35 6.80 0.91 23.77
N ILE F 36 7.91 0.94 23.04
CA ILE F 36 8.24 -0.15 22.17
C ILE F 36 8.72 -1.30 23.05
N GLU F 37 7.93 -2.36 23.09
CA GLU F 37 8.24 -3.55 23.86
C GLU F 37 9.23 -4.43 23.11
N SER F 38 8.91 -4.68 21.84
CA SER F 38 9.75 -5.47 20.96
C SER F 38 9.38 -5.16 19.51
N PHE F 39 10.18 -5.66 18.57
CA PHE F 39 9.87 -5.51 17.16
C PHE F 39 10.54 -6.60 16.37
N ASP F 40 10.03 -6.84 15.18
CA ASP F 40 10.69 -7.75 14.26
C ASP F 40 10.66 -7.15 12.87
N GLN F 41 10.86 -7.98 11.86
CA GLN F 41 10.86 -7.51 10.48
C GLN F 41 9.56 -6.79 10.06
N PHE F 42 8.42 -7.24 10.56
CA PHE F 42 7.13 -6.74 10.05
C PHE F 42 6.23 -6.01 11.06
N VAL F 43 6.48 -6.17 12.36
CA VAL F 43 5.64 -5.56 13.37
C VAL F 43 6.43 -4.91 14.51
N ILE F 44 5.76 -3.98 15.17
CA ILE F 44 6.22 -3.40 16.42
C ILE F 44 5.17 -3.71 17.50
N LEU F 45 5.62 -4.28 18.62
CA LEU F 45 4.77 -4.44 19.80
C LEU F 45 4.86 -3.17 20.64
N LEU F 46 3.69 -2.56 20.85
CA LEU F 46 3.60 -1.26 21.46
C LEU F 46 2.81 -1.42 22.75
N LYS F 47 3.43 -0.99 23.85
CA LYS F 47 2.90 -1.26 25.18
C LYS F 47 2.43 0.03 25.84
N ASN F 48 1.20 0.02 26.34
CA ASN F 48 0.69 1.11 27.19
C ASN F 48 -0.18 0.50 28.30
N THR F 49 -1.50 0.52 28.16
CA THR F 49 -2.38 -0.23 29.06
C THR F 49 -2.28 -1.73 28.76
N VAL F 50 -2.35 -2.05 27.46
CA VAL F 50 -2.13 -3.41 26.96
C VAL F 50 -1.02 -3.40 25.89
N SER F 51 -0.60 -4.57 25.45
CA SER F 51 0.33 -4.67 24.36
C SER F 51 -0.45 -4.86 23.06
N GLN F 52 -0.23 -3.95 22.11
CA GLN F 52 -0.83 -4.08 20.77
C GLN F 52 0.25 -4.27 19.73
N MET F 53 -0.08 -5.07 18.72
CA MET F 53 0.83 -5.34 17.62
C MET F 53 0.49 -4.39 16.48
N VAL F 54 1.49 -3.65 16.03
CA VAL F 54 1.28 -2.65 15.00
C VAL F 54 2.06 -3.10 13.78
N TYR F 55 1.38 -3.22 12.64
CA TYR F 55 2.07 -3.56 11.40
C TYR F 55 2.86 -2.38 10.88
N LYS F 56 4.14 -2.59 10.62
CA LYS F 56 4.99 -1.56 10.05
C LYS F 56 4.50 -0.99 8.73
N HIS F 57 3.84 -1.79 7.89
CA HIS F 57 3.29 -1.28 6.63
C HIS F 57 2.27 -0.17 6.84
N ALA F 58 1.67 -0.13 8.04
CA ALA F 58 0.69 0.90 8.38
C ALA F 58 1.30 2.15 9.01
N ILE F 59 2.60 2.15 9.30
CA ILE F 59 3.27 3.25 9.98
C ILE F 59 3.92 4.19 9.00
N SER F 60 3.74 5.50 9.22
CA SER F 60 4.50 6.49 8.48
C SER F 60 5.75 6.93 9.25
N THR F 61 5.60 7.25 10.53
CA THR F 61 6.69 7.86 11.26
C THR F 61 6.73 7.38 12.71
N VAL F 62 7.94 7.29 13.26
CA VAL F 62 8.14 6.95 14.66
C VAL F 62 9.05 8.04 15.25
N VAL F 63 8.63 8.57 16.39
CA VAL F 63 9.33 9.67 17.01
C VAL F 63 9.15 9.61 18.54
N PRO F 64 10.22 9.87 19.31
CA PRO F 64 10.03 9.93 20.77
C PRO F 64 9.00 11.01 21.13
N SER F 65 8.17 10.76 22.14
CA SER F 65 7.09 11.68 22.50
C SER F 65 7.64 12.97 23.11
#